data_6PB9
#
_entry.id   6PB9
#
_cell.length_a   79.298
_cell.length_b   46.858
_cell.length_c   74.379
_cell.angle_alpha   90.000
_cell.angle_beta   98.220
_cell.angle_gamma   90.000
#
_symmetry.space_group_name_H-M   'C 1 2 1'
#
loop_
_entity.id
_entity.type
_entity.pdbx_description
1 polymer 'Toxin co-regulated pilus virulence regulatory protein'
2 non-polymer 'PALMITOLEIC ACID'
3 water water
#
_entity_poly.entity_id   1
_entity_poly.type   'polypeptide(L)'
_entity_poly.pdbx_seq_one_letter_code
;MRENNTSFLVNVYDLKKFDTYAFNKVFIDDYKIFWINKGSAKLVDKNCLVSYTITASSVVLLKKNSIQRFSLMSLSDESI
SVCVLTIKNKFVNSLRHYLQGDLMIRNLYNEKKDLLLWNCELNDISVLGEIVSTYDQTQYSEDFLKIFFSGFFSKVEKKY
NSIFITDDLDAMEKISCLVKSDITRNWRWADICGELRTNRMILKKELESRGVKFRELINSIRISYSISLMATGEFKIKQI
AYQSGFASVSYFSTVFKSTMNVAPSEYLFMLTGVAEE
;
_entity_poly.pdbx_strand_id   A
#
loop_
_chem_comp.id
_chem_comp.type
_chem_comp.name
_chem_comp.formula
PAM non-polymer 'PALMITOLEIC ACID' 'C16 H30 O2'
#
# COMPACT_ATOMS: atom_id res chain seq x y z
N MET A 1 13.39 -16.35 22.00
CA MET A 1 12.40 -15.78 21.09
C MET A 1 12.13 -14.32 21.42
N ARG A 2 12.33 -13.45 20.44
CA ARG A 2 12.12 -12.02 20.62
C ARG A 2 11.01 -11.54 19.67
N GLU A 3 10.85 -10.22 19.60
CA GLU A 3 9.69 -9.63 18.97
C GLU A 3 9.85 -9.55 17.45
N ASN A 4 8.72 -9.32 16.78
CA ASN A 4 8.69 -9.10 15.35
C ASN A 4 9.02 -7.64 15.04
N ASN A 5 9.08 -7.31 13.75
CA ASN A 5 9.45 -5.96 13.34
C ASN A 5 8.31 -4.99 13.60
N THR A 6 8.59 -3.92 14.34
CA THR A 6 7.60 -2.90 14.64
C THR A 6 7.60 -1.76 13.63
N SER A 7 8.64 -1.65 12.80
CA SER A 7 8.71 -0.58 11.81
C SER A 7 8.19 -1.00 10.45
N PHE A 8 8.38 -2.26 10.07
CA PHE A 8 8.01 -2.74 8.73
C PHE A 8 7.19 -4.00 8.84
N LEU A 9 6.56 -4.34 7.73
CA LEU A 9 5.99 -5.67 7.50
C LEU A 9 6.37 -6.09 6.09
N VAL A 10 6.66 -7.38 5.92
CA VAL A 10 7.06 -7.92 4.62
C VAL A 10 6.05 -8.98 4.21
N ASN A 11 5.47 -8.80 3.02
CA ASN A 11 4.46 -9.70 2.47
C ASN A 11 4.92 -10.30 1.15
N VAL A 12 4.22 -11.35 0.76
CA VAL A 12 4.75 -12.41 -0.11
C VAL A 12 3.68 -12.82 -1.11
N TYR A 13 4.00 -12.78 -2.41
CA TYR A 13 3.07 -13.26 -3.41
C TYR A 13 3.83 -13.92 -4.55
N ASP A 14 3.45 -15.14 -4.88
CA ASP A 14 4.09 -15.91 -5.94
C ASP A 14 3.41 -15.59 -7.27
N LEU A 15 4.14 -14.92 -8.17
CA LEU A 15 3.67 -14.66 -9.52
C LEU A 15 4.11 -15.81 -10.41
N LYS A 16 3.18 -16.71 -10.70
CA LYS A 16 3.49 -17.75 -11.67
C LYS A 16 3.66 -17.13 -13.05
N LYS A 17 4.43 -17.82 -13.89
CA LYS A 17 4.83 -17.26 -15.17
C LYS A 17 3.63 -16.86 -16.01
N PHE A 18 3.72 -15.68 -16.62
CA PHE A 18 2.75 -15.16 -17.57
C PHE A 18 1.37 -14.90 -16.97
N ASP A 19 1.24 -14.98 -15.65
CA ASP A 19 -0.01 -14.67 -15.00
C ASP A 19 -0.15 -13.16 -14.82
N THR A 20 -1.39 -12.73 -14.63
CA THR A 20 -1.71 -11.31 -14.54
C THR A 20 -2.47 -11.04 -13.25
N TYR A 21 -1.96 -10.09 -12.50
CA TYR A 21 -2.67 -9.59 -11.30
C TYR A 21 -3.37 -8.31 -11.73
N ALA A 22 -4.63 -8.16 -11.37
CA ALA A 22 -5.39 -6.97 -11.69
C ALA A 22 -6.00 -6.43 -10.40
N PHE A 23 -5.67 -5.19 -10.07
CA PHE A 23 -6.18 -4.54 -8.86
C PHE A 23 -7.09 -3.40 -9.28
N ASN A 24 -8.33 -3.43 -8.80
CA ASN A 24 -9.34 -2.46 -9.18
C ASN A 24 -9.80 -1.73 -7.92
N LYS A 25 -9.34 -0.49 -7.77
CA LYS A 25 -9.71 0.38 -6.65
C LYS A 25 -9.30 -0.24 -5.31
N VAL A 26 -8.01 -0.53 -5.19
CA VAL A 26 -7.46 -1.07 -3.96
C VAL A 26 -6.94 0.09 -3.11
N PHE A 27 -7.36 0.13 -1.85
CA PHE A 27 -6.97 1.19 -0.94
C PHE A 27 -5.64 0.87 -0.29
N ILE A 28 -4.69 1.80 -0.41
CA ILE A 28 -3.36 1.63 0.16
C ILE A 28 -3.38 2.14 1.59
N ASP A 29 -3.38 1.21 2.55
CA ASP A 29 -3.55 1.57 3.96
C ASP A 29 -2.29 2.13 4.60
N ASP A 30 -1.12 1.86 4.02
CA ASP A 30 0.14 2.39 4.52
C ASP A 30 1.07 2.55 3.33
N TYR A 31 2.13 3.34 3.52
CA TYR A 31 3.12 3.49 2.46
C TYR A 31 3.72 2.12 2.12
N LYS A 32 3.71 1.78 0.84
CA LYS A 32 4.19 0.48 0.42
C LYS A 32 5.23 0.62 -0.67
N ILE A 33 6.19 -0.28 -0.71
CA ILE A 33 7.10 -0.41 -1.85
C ILE A 33 7.23 -1.89 -2.16
N PHE A 34 7.18 -2.23 -3.44
CA PHE A 34 7.26 -3.64 -3.80
C PHE A 34 8.20 -3.83 -4.99
N TRP A 35 8.66 -5.07 -5.13
CA TRP A 35 9.56 -5.39 -6.25
C TRP A 35 9.52 -6.89 -6.52
N ILE A 36 10.00 -7.25 -7.70
CA ILE A 36 10.09 -8.64 -8.14
C ILE A 36 11.50 -9.14 -7.88
N ASN A 37 11.62 -10.46 -7.68
CA ASN A 37 12.92 -11.04 -7.36
C ASN A 37 13.79 -11.21 -8.61
N LYS A 38 13.18 -11.59 -9.73
CA LYS A 38 13.93 -11.90 -10.94
C LYS A 38 13.03 -11.67 -12.15
N GLY A 39 13.65 -11.78 -13.33
CA GLY A 39 12.91 -11.65 -14.57
C GLY A 39 12.42 -10.23 -14.81
N SER A 40 11.26 -10.12 -15.45
CA SER A 40 10.67 -8.83 -15.75
C SER A 40 9.15 -8.95 -15.75
N ALA A 41 8.49 -7.80 -15.70
CA ALA A 41 7.03 -7.78 -15.62
C ALA A 41 6.50 -6.50 -16.26
N LYS A 42 5.31 -6.61 -16.84
CA LYS A 42 4.60 -5.48 -17.42
C LYS A 42 3.61 -4.94 -16.41
N LEU A 43 3.79 -3.68 -16.01
CA LEU A 43 2.96 -3.02 -15.01
C LEU A 43 2.15 -1.93 -15.69
N VAL A 44 0.83 -2.09 -15.72
CA VAL A 44 -0.05 -1.16 -16.41
C VAL A 44 -0.82 -0.39 -15.35
N ASP A 45 -0.52 0.90 -15.20
CA ASP A 45 -1.27 1.80 -14.34
C ASP A 45 -2.42 2.38 -15.15
N LYS A 46 -3.64 1.97 -14.79
CA LYS A 46 -4.86 2.45 -15.43
C LYS A 46 -5.32 3.80 -14.87
N ASN A 47 -4.68 4.30 -13.81
CA ASN A 47 -4.96 5.64 -13.32
C ASN A 47 -4.31 6.68 -14.22
N CYS A 48 -2.97 6.67 -14.28
CA CYS A 48 -2.23 7.59 -15.12
C CYS A 48 -2.10 7.13 -16.56
N LEU A 49 -2.65 5.97 -16.89
CA LEU A 49 -2.67 5.47 -18.27
C LEU A 49 -1.24 5.32 -18.80
N VAL A 50 -0.49 4.41 -18.17
CA VAL A 50 0.91 4.23 -18.54
C VAL A 50 1.32 2.80 -18.26
N SER A 51 2.06 2.20 -19.19
CA SER A 51 2.58 0.86 -19.03
C SER A 51 4.10 0.93 -18.92
N TYR A 52 4.66 0.25 -17.92
CA TYR A 52 6.09 0.15 -17.71
C TYR A 52 6.53 -1.31 -17.78
N THR A 53 7.84 -1.49 -17.97
CA THR A 53 8.50 -2.78 -17.83
C THR A 53 9.45 -2.70 -16.64
N ILE A 54 9.19 -3.50 -15.63
CA ILE A 54 9.97 -3.51 -14.39
C ILE A 54 10.83 -4.76 -14.35
N THR A 55 12.03 -4.62 -13.80
CA THR A 55 12.96 -5.72 -13.63
C THR A 55 13.29 -5.87 -12.15
N ALA A 56 14.28 -6.73 -11.85
CA ALA A 56 14.68 -6.97 -10.47
C ALA A 56 15.37 -5.76 -9.84
N SER A 57 15.78 -4.78 -10.63
CA SER A 57 16.38 -3.56 -10.13
C SER A 57 15.36 -2.44 -9.94
N SER A 58 14.07 -2.73 -10.15
CA SER A 58 13.01 -1.75 -10.03
C SER A 58 12.31 -1.87 -8.68
N VAL A 59 11.84 -0.73 -8.17
CA VAL A 59 10.95 -0.70 -7.02
C VAL A 59 9.77 0.19 -7.37
N VAL A 60 8.57 -0.24 -6.97
CA VAL A 60 7.35 0.52 -7.18
C VAL A 60 6.88 1.02 -5.82
N LEU A 61 6.65 2.33 -5.72
CA LEU A 61 6.22 2.98 -4.50
C LEU A 61 4.73 3.33 -4.62
N LEU A 62 3.98 2.95 -3.60
CA LEU A 62 2.55 3.17 -3.51
C LEU A 62 2.25 4.08 -2.33
N LYS A 63 1.56 5.18 -2.62
CA LYS A 63 1.31 6.24 -1.67
C LYS A 63 0.16 5.88 -0.73
N LYS A 64 0.35 6.17 0.56
CA LYS A 64 -0.70 5.93 1.55
C LYS A 64 -1.96 6.68 1.17
N ASN A 65 -3.11 6.04 1.44
CA ASN A 65 -4.44 6.60 1.22
C ASN A 65 -4.78 6.81 -0.25
N SER A 66 -4.05 6.17 -1.15
CA SER A 66 -4.38 6.21 -2.56
C SER A 66 -5.34 5.08 -2.91
N ILE A 67 -6.02 5.24 -4.04
CA ILE A 67 -6.92 4.22 -4.58
C ILE A 67 -6.32 3.78 -5.91
N GLN A 68 -5.71 2.59 -5.92
CA GLN A 68 -4.93 2.14 -7.05
C GLN A 68 -5.77 1.30 -8.01
N ARG A 69 -5.49 1.47 -9.31
CA ARG A 69 -6.07 0.66 -10.38
C ARG A 69 -4.92 0.31 -11.31
N PHE A 70 -4.38 -0.91 -11.18
CA PHE A 70 -3.26 -1.29 -12.03
C PHE A 70 -3.22 -2.81 -12.16
N SER A 71 -2.38 -3.26 -13.08
CA SER A 71 -2.20 -4.68 -13.36
C SER A 71 -0.71 -5.00 -13.46
N LEU A 72 -0.37 -6.23 -13.09
CA LEU A 72 1.01 -6.72 -13.14
C LEU A 72 1.01 -8.08 -13.82
N MET A 73 1.79 -8.22 -14.89
CA MET A 73 1.83 -9.46 -15.66
C MET A 73 3.28 -9.90 -15.84
N SER A 74 3.59 -11.12 -15.40
CA SER A 74 4.93 -11.64 -15.58
C SER A 74 5.26 -11.78 -17.07
N LEU A 75 6.47 -11.37 -17.43
CA LEU A 75 6.95 -11.49 -18.80
C LEU A 75 8.02 -12.55 -18.96
N SER A 76 8.47 -13.18 -17.88
CA SER A 76 9.58 -14.12 -17.93
C SER A 76 9.07 -15.55 -17.87
N ASP A 77 9.86 -16.46 -18.44
CA ASP A 77 9.53 -17.88 -18.49
C ASP A 77 9.80 -18.55 -17.15
N GLU A 78 9.81 -17.76 -16.09
CA GLU A 78 10.14 -18.24 -14.75
C GLU A 78 9.00 -17.89 -13.80
N SER A 79 8.89 -18.68 -12.74
CA SER A 79 8.01 -18.34 -11.62
C SER A 79 8.71 -17.27 -10.79
N ILE A 80 8.18 -16.05 -10.81
CA ILE A 80 8.81 -14.93 -10.13
C ILE A 80 8.02 -14.63 -8.85
N SER A 81 8.58 -13.76 -8.01
CA SER A 81 8.00 -13.49 -6.71
C SER A 81 7.94 -11.99 -6.47
N VAL A 82 6.83 -11.53 -5.91
CA VAL A 82 6.64 -10.12 -5.57
C VAL A 82 6.70 -9.99 -4.07
N CYS A 83 7.62 -9.15 -3.61
CA CYS A 83 7.83 -8.83 -2.20
C CYS A 83 7.30 -7.43 -1.96
N VAL A 84 6.43 -7.28 -0.97
CA VAL A 84 5.77 -6.02 -0.65
C VAL A 84 6.21 -5.62 0.76
N LEU A 85 6.93 -4.51 0.86
CA LEU A 85 7.38 -3.95 2.12
C LEU A 85 6.44 -2.81 2.50
N THR A 86 5.71 -2.98 3.61
CA THR A 86 4.84 -1.97 4.17
C THR A 86 5.58 -1.24 5.28
N ILE A 87 5.57 0.08 5.23
CA ILE A 87 6.24 0.92 6.22
C ILE A 87 5.18 1.45 7.17
N LYS A 88 5.24 1.05 8.43
CA LYS A 88 4.17 1.34 9.38
C LYS A 88 4.21 2.79 9.83
N ASN A 89 3.11 3.22 10.44
CA ASN A 89 2.85 4.65 10.64
C ASN A 89 3.88 5.31 11.55
N LYS A 90 4.27 4.63 12.64
CA LYS A 90 5.25 5.18 13.55
C LYS A 90 6.55 5.52 12.82
N PHE A 91 7.05 4.60 12.01
CA PHE A 91 8.26 4.84 11.24
C PHE A 91 8.08 6.01 10.28
N VAL A 92 6.90 6.12 9.67
CA VAL A 92 6.66 7.20 8.71
C VAL A 92 6.68 8.56 9.42
N ASN A 93 6.07 8.64 10.61
CA ASN A 93 6.10 9.89 11.36
C ASN A 93 7.50 10.21 11.85
N SER A 94 8.32 9.18 12.12
CA SER A 94 9.74 9.42 12.36
C SER A 94 10.40 10.03 11.13
N LEU A 95 10.10 9.50 9.94
CA LEU A 95 10.70 9.99 8.70
C LEU A 95 10.31 11.44 8.44
N ARG A 96 9.06 11.79 8.74
CA ARG A 96 8.59 13.16 8.47
C ARG A 96 9.43 14.20 9.18
N HIS A 97 9.96 13.87 10.36
CA HIS A 97 10.72 14.82 11.17
C HIS A 97 12.18 14.41 11.25
N TYR A 98 12.78 13.99 10.14
CA TYR A 98 14.14 13.48 10.20
C TYR A 98 15.13 14.26 9.35
N LEU A 99 14.71 14.76 8.20
CA LEU A 99 15.62 15.45 7.30
C LEU A 99 15.95 16.84 7.84
N GLN A 100 17.23 17.10 8.04
CA GLN A 100 17.67 18.39 8.58
C GLN A 100 17.47 19.49 7.55
N GLY A 101 16.88 20.60 8.00
CA GLY A 101 16.73 21.77 7.16
C GLY A 101 15.47 21.75 6.32
N ASP A 102 15.22 22.89 5.68
CA ASP A 102 14.04 23.09 4.85
C ASP A 102 14.38 22.80 3.40
N LEU A 103 13.53 22.01 2.74
CA LEU A 103 13.65 21.71 1.32
C LEU A 103 12.85 22.78 0.57
N MET A 104 13.57 23.75 -0.03
CA MET A 104 12.91 24.95 -0.52
C MET A 104 12.02 24.68 -1.72
N ILE A 105 12.33 23.67 -2.53
CA ILE A 105 11.53 23.38 -3.71
C ILE A 105 10.37 22.44 -3.42
N ARG A 106 10.38 21.76 -2.28
CA ARG A 106 9.30 20.83 -1.95
C ARG A 106 7.96 21.54 -1.84
N ASN A 107 7.97 22.80 -1.41
CA ASN A 107 6.74 23.59 -1.34
C ASN A 107 6.08 23.76 -2.70
N LEU A 108 6.79 23.46 -3.79
CA LEU A 108 6.26 23.58 -5.14
C LEU A 108 5.98 22.24 -5.79
N TYR A 109 6.18 21.13 -5.11
CA TYR A 109 5.86 19.82 -5.72
C TYR A 109 4.34 19.60 -5.74
N ASN A 110 3.86 18.68 -6.58
CA ASN A 110 2.42 18.31 -6.63
C ASN A 110 2.18 16.92 -5.99
N GLU A 111 0.95 16.61 -5.58
CA GLU A 111 0.67 15.29 -4.93
C GLU A 111 -0.01 14.33 -5.91
N LYS A 112 -0.18 14.70 -7.18
CA LYS A 112 -1.00 13.88 -8.12
C LYS A 112 -0.45 12.49 -8.50
N LYS A 113 0.77 12.10 -8.12
CA LYS A 113 1.25 10.76 -8.51
C LYS A 113 1.20 9.80 -7.32
N ASP A 114 0.48 8.69 -7.46
CA ASP A 114 0.29 7.69 -6.40
C ASP A 114 1.13 6.46 -6.62
N LEU A 115 1.64 6.33 -7.81
CA LEU A 115 2.47 5.17 -8.12
C LEU A 115 3.75 5.66 -8.75
N LEU A 116 4.88 5.44 -8.07
CA LEU A 116 6.16 5.96 -8.53
C LEU A 116 7.12 4.81 -8.81
N LEU A 117 7.92 4.96 -9.86
CA LEU A 117 8.88 3.94 -10.27
C LEU A 117 10.29 4.43 -9.99
N TRP A 118 11.11 3.59 -9.36
CA TRP A 118 12.50 3.92 -9.12
C TRP A 118 13.38 2.75 -9.54
N ASN A 119 14.28 2.98 -10.48
CA ASN A 119 15.27 1.98 -10.88
C ASN A 119 16.47 2.12 -9.95
N CYS A 120 16.73 1.08 -9.16
CA CYS A 120 17.63 1.19 -8.03
C CYS A 120 19.10 1.17 -8.45
N GLU A 121 19.90 1.98 -7.77
CA GLU A 121 21.34 1.82 -7.78
C GLU A 121 21.72 0.68 -6.83
N LEU A 122 22.98 0.24 -6.92
CA LEU A 122 23.38 -0.98 -6.21
C LEU A 122 23.20 -0.83 -4.70
N ASN A 123 23.50 0.36 -4.16
CA ASN A 123 23.36 0.60 -2.73
C ASN A 123 21.95 0.27 -2.23
N ASP A 124 20.95 0.78 -2.94
CA ASP A 124 19.56 0.60 -2.51
C ASP A 124 19.11 -0.85 -2.71
N ILE A 125 19.53 -1.48 -3.81
CA ILE A 125 19.28 -2.91 -3.99
C ILE A 125 19.77 -3.67 -2.77
N SER A 126 21.02 -3.44 -2.39
CA SER A 126 21.60 -4.04 -1.19
C SER A 126 20.68 -3.82 0.00
N VAL A 127 20.50 -2.56 0.40
CA VAL A 127 19.82 -2.25 1.66
C VAL A 127 18.43 -2.89 1.71
N LEU A 128 17.65 -2.76 0.62
CA LEU A 128 16.30 -3.30 0.62
C LEU A 128 16.31 -4.82 0.70
N GLY A 129 17.19 -5.47 -0.07
CA GLY A 129 17.28 -6.92 0.00
C GLY A 129 17.68 -7.41 1.37
N GLU A 130 18.52 -6.65 2.07
CA GLU A 130 18.90 -7.06 3.42
C GLU A 130 17.78 -6.82 4.41
N ILE A 131 16.96 -5.79 4.20
CA ILE A 131 15.80 -5.58 5.06
C ILE A 131 14.83 -6.74 4.93
N VAL A 132 14.55 -7.16 3.69
CA VAL A 132 13.58 -8.24 3.50
C VAL A 132 14.21 -9.63 3.55
N SER A 133 15.52 -9.72 3.72
CA SER A 133 16.12 -11.07 3.79
C SER A 133 15.54 -11.81 4.98
N THR A 134 15.59 -11.20 6.13
CA THR A 134 15.13 -11.94 7.32
C THR A 134 14.03 -11.16 8.04
N TYR A 135 13.59 -11.68 9.18
CA TYR A 135 12.57 -11.06 10.05
C TYR A 135 13.25 -10.16 11.07
N ASP A 136 14.56 -9.91 10.97
CA ASP A 136 15.22 -9.09 12.03
C ASP A 136 16.30 -8.11 11.56
N GLN A 137 17.04 -8.34 10.45
CA GLN A 137 18.24 -7.58 10.11
C GLN A 137 19.19 -7.50 11.32
N THR A 138 18.85 -6.68 12.31
CA THR A 138 19.69 -6.34 13.47
C THR A 138 21.10 -5.86 13.08
N GLN A 139 21.62 -6.34 11.95
CA GLN A 139 22.72 -5.63 11.33
C GLN A 139 22.36 -4.20 10.96
N TYR A 140 21.07 -3.86 10.99
CA TYR A 140 20.56 -2.57 10.54
C TYR A 140 19.79 -1.94 11.69
N SER A 141 20.41 -0.99 12.39
CA SER A 141 19.69 -0.23 13.39
C SER A 141 18.58 0.58 12.73
N GLU A 142 17.50 0.79 13.48
CA GLU A 142 16.36 1.51 12.93
C GLU A 142 16.69 2.96 12.62
N ASP A 143 17.73 3.52 13.24
CA ASP A 143 18.16 4.88 12.89
C ASP A 143 18.83 4.92 11.53
N PHE A 144 19.71 3.93 11.26
CA PHE A 144 20.25 3.78 9.91
C PHE A 144 19.13 3.68 8.88
N LEU A 145 18.08 2.92 9.20
CA LEU A 145 16.98 2.73 8.27
C LEU A 145 16.18 4.01 8.09
N LYS A 146 16.01 4.79 9.17
CA LYS A 146 15.34 6.08 9.05
C LYS A 146 16.11 7.01 8.12
N ILE A 147 17.42 7.09 8.31
CA ILE A 147 18.25 7.93 7.42
C ILE A 147 18.12 7.45 5.98
N PHE A 148 18.30 6.14 5.76
CA PHE A 148 18.23 5.57 4.43
C PHE A 148 16.90 5.89 3.75
N PHE A 149 15.80 5.69 4.47
CA PHE A 149 14.48 5.81 3.84
C PHE A 149 14.11 7.26 3.62
N SER A 150 14.49 8.17 4.53
CA SER A 150 14.27 9.58 4.27
C SER A 150 15.02 10.03 3.02
N GLY A 151 16.29 9.63 2.90
CA GLY A 151 17.04 9.98 1.69
C GLY A 151 16.44 9.37 0.43
N PHE A 152 16.03 8.10 0.51
CA PHE A 152 15.48 7.41 -0.66
C PHE A 152 14.18 8.06 -1.12
N PHE A 153 13.28 8.36 -0.18
CA PHE A 153 12.02 9.01 -0.54
C PHE A 153 12.26 10.40 -1.09
N SER A 154 13.24 11.13 -0.54
CA SER A 154 13.58 12.43 -1.11
C SER A 154 14.05 12.29 -2.54
N LYS A 155 14.88 11.29 -2.82
CA LYS A 155 15.35 11.08 -4.19
C LYS A 155 14.18 10.82 -5.13
N VAL A 156 13.26 9.94 -4.74
CA VAL A 156 12.12 9.63 -5.61
C VAL A 156 11.26 10.87 -5.83
N GLU A 157 10.96 11.60 -4.76
CA GLU A 157 10.18 12.84 -4.88
C GLU A 157 10.83 13.80 -5.87
N LYS A 158 12.15 14.02 -5.71
CA LYS A 158 12.86 14.90 -6.64
C LYS A 158 12.75 14.38 -8.07
N LYS A 159 12.79 13.07 -8.25
CA LYS A 159 12.61 12.51 -9.58
C LYS A 159 11.25 12.84 -10.16
N TYR A 160 10.22 12.99 -9.31
CA TYR A 160 8.87 13.15 -9.83
C TYR A 160 8.20 14.50 -9.54
N ASN A 161 8.87 15.43 -8.86
CA ASN A 161 8.25 16.72 -8.52
C ASN A 161 6.93 16.54 -7.77
N SER A 162 6.89 15.54 -6.88
CA SER A 162 5.65 15.18 -6.22
C SER A 162 5.93 14.82 -4.76
N ILE A 163 4.90 14.96 -3.93
CA ILE A 163 4.97 14.65 -2.51
C ILE A 163 4.60 13.18 -2.33
N PHE A 164 5.53 12.40 -1.80
CA PHE A 164 5.23 11.00 -1.46
C PHE A 164 4.73 10.92 -0.02
N ILE A 165 5.59 11.25 0.93
CA ILE A 165 5.23 11.27 2.34
C ILE A 165 4.52 12.58 2.64
N THR A 166 3.20 12.54 2.80
CA THR A 166 2.43 13.71 3.13
C THR A 166 2.58 14.04 4.62
N ASP A 167 1.96 15.13 5.05
CA ASP A 167 1.77 15.37 6.47
C ASP A 167 0.52 14.62 6.94
N ASP A 168 0.24 14.70 8.24
CA ASP A 168 -0.95 14.06 8.78
C ASP A 168 -2.14 15.01 8.86
N LEU A 169 -1.99 16.25 8.42
CA LEU A 169 -3.12 17.16 8.30
C LEU A 169 -3.98 16.85 7.08
N ASP A 170 -3.55 15.91 6.24
CA ASP A 170 -4.27 15.60 5.01
C ASP A 170 -5.67 15.09 5.31
N ALA A 171 -6.65 15.60 4.55
CA ALA A 171 -8.04 15.27 4.82
C ALA A 171 -8.33 13.78 4.61
N MET A 172 -7.71 13.19 3.59
CA MET A 172 -7.93 11.76 3.34
C MET A 172 -7.39 10.92 4.48
N GLU A 173 -6.26 11.34 5.08
CA GLU A 173 -5.75 10.63 6.25
C GLU A 173 -6.75 10.68 7.40
N LYS A 174 -7.37 11.84 7.61
CA LYS A 174 -8.37 11.96 8.67
C LYS A 174 -9.57 11.06 8.39
N ILE A 175 -10.07 11.06 7.15
CA ILE A 175 -11.20 10.21 6.79
C ILE A 175 -10.86 8.74 7.02
N SER A 176 -9.68 8.31 6.57
CA SER A 176 -9.29 6.92 6.68
C SER A 176 -9.13 6.51 8.14
N CYS A 177 -8.45 7.35 8.93
CA CYS A 177 -8.28 7.05 10.35
C CYS A 177 -9.63 6.96 11.06
N LEU A 178 -10.55 7.87 10.74
CA LEU A 178 -11.86 7.85 11.37
C LEU A 178 -12.62 6.57 11.03
N VAL A 179 -12.64 6.22 9.73
CA VAL A 179 -13.33 4.99 9.33
C VAL A 179 -12.70 3.78 10.01
N LYS A 180 -11.37 3.73 10.05
CA LYS A 180 -10.68 2.56 10.60
C LYS A 180 -10.76 2.48 12.12
N SER A 181 -11.10 3.58 12.78
CA SER A 181 -11.29 3.52 14.24
C SER A 181 -12.55 2.78 14.63
N ASP A 182 -13.53 2.66 13.72
CA ASP A 182 -14.79 1.96 13.95
C ASP A 182 -15.20 1.34 12.61
N ILE A 183 -14.47 0.29 12.22
CA ILE A 183 -14.59 -0.23 10.85
C ILE A 183 -15.96 -0.86 10.62
N THR A 184 -16.61 -1.39 11.66
CA THR A 184 -17.90 -2.05 11.49
C THR A 184 -19.07 -1.08 11.44
N ARG A 185 -18.88 0.18 11.81
CA ARG A 185 -19.96 1.15 11.81
C ARG A 185 -20.48 1.37 10.39
N ASN A 186 -21.80 1.58 10.29
CA ASN A 186 -22.44 1.88 9.00
C ASN A 186 -22.30 3.39 8.72
N TRP A 187 -21.10 3.76 8.32
CA TRP A 187 -20.78 5.17 8.08
C TRP A 187 -21.60 5.72 6.92
N ARG A 188 -21.98 6.99 7.04
CA ARG A 188 -22.52 7.75 5.92
C ARG A 188 -21.74 9.04 5.78
N TRP A 189 -21.73 9.58 4.56
CA TRP A 189 -20.92 10.75 4.23
C TRP A 189 -21.13 11.89 5.22
N ALA A 190 -22.38 12.13 5.63
CA ALA A 190 -22.67 13.22 6.55
C ALA A 190 -22.02 12.99 7.91
N ASP A 191 -22.01 11.74 8.38
CA ASP A 191 -21.37 11.44 9.66
C ASP A 191 -19.89 11.81 9.63
N ILE A 192 -19.18 11.44 8.57
CA ILE A 192 -17.76 11.74 8.49
C ILE A 192 -17.54 13.24 8.38
N CYS A 193 -18.33 13.93 7.56
CA CYS A 193 -18.18 15.38 7.44
C CYS A 193 -18.45 16.07 8.77
N GLY A 194 -19.36 15.52 9.59
CA GLY A 194 -19.64 16.13 10.87
C GLY A 194 -18.57 15.88 11.92
N GLU A 195 -18.15 14.62 12.06
CA GLU A 195 -17.12 14.29 13.03
C GLU A 195 -15.77 14.90 12.66
N LEU A 196 -15.54 15.11 11.36
CA LEU A 196 -14.32 15.72 10.88
C LEU A 196 -14.43 17.23 10.78
N ARG A 197 -15.50 17.78 11.35
CA ARG A 197 -15.82 19.23 11.45
C ARG A 197 -15.33 20.00 10.22
N THR A 198 -15.36 19.36 9.07
CA THR A 198 -14.95 19.89 7.78
C THR A 198 -16.08 19.83 6.77
N ASN A 199 -16.21 20.89 5.96
CA ASN A 199 -17.28 21.00 4.99
C ASN A 199 -17.12 19.95 3.89
N ARG A 200 -18.21 19.76 3.13
CA ARG A 200 -18.28 18.64 2.21
C ARG A 200 -17.45 18.86 0.95
N MET A 201 -17.05 20.09 0.65
CA MET A 201 -16.22 20.32 -0.53
C MET A 201 -14.80 19.80 -0.32
N ILE A 202 -14.17 20.22 0.79
CA ILE A 202 -12.82 19.76 1.12
C ILE A 202 -12.77 18.24 1.10
N LEU A 203 -13.80 17.59 1.66
CA LEU A 203 -13.79 16.15 1.80
C LEU A 203 -14.15 15.46 0.49
N LYS A 204 -15.14 15.98 -0.23
CA LYS A 204 -15.57 15.34 -1.48
C LYS A 204 -14.53 15.48 -2.57
N LYS A 205 -13.68 16.51 -2.50
CA LYS A 205 -12.58 16.59 -3.46
C LYS A 205 -11.65 15.39 -3.30
N GLU A 206 -11.48 14.88 -2.07
CA GLU A 206 -10.66 13.70 -1.86
C GLU A 206 -11.26 12.47 -2.56
N LEU A 207 -12.59 12.38 -2.59
CA LEU A 207 -13.24 11.28 -3.30
C LEU A 207 -13.11 11.47 -4.81
N GLU A 208 -13.36 12.68 -5.30
CA GLU A 208 -13.33 12.93 -6.74
C GLU A 208 -11.94 12.73 -7.32
N SER A 209 -10.90 13.18 -6.59
CA SER A 209 -9.54 13.03 -7.07
C SER A 209 -9.14 11.57 -7.20
N ARG A 210 -9.70 10.70 -6.35
CA ARG A 210 -9.47 9.27 -6.43
C ARG A 210 -10.53 8.55 -7.25
N GLY A 211 -11.53 9.26 -7.75
CA GLY A 211 -12.53 8.69 -8.63
C GLY A 211 -13.42 7.64 -7.99
N VAL A 212 -13.77 7.81 -6.72
CA VAL A 212 -14.56 6.83 -5.99
C VAL A 212 -15.77 7.52 -5.37
N LYS A 213 -16.91 6.82 -5.39
CA LYS A 213 -18.03 7.22 -4.57
C LYS A 213 -17.76 6.84 -3.12
N PHE A 214 -18.62 7.32 -2.22
CA PHE A 214 -18.38 7.11 -0.79
C PHE A 214 -18.47 5.63 -0.42
N ARG A 215 -19.46 4.95 -0.96
CA ARG A 215 -19.65 3.51 -0.66
C ARG A 215 -18.49 2.70 -1.23
N GLU A 216 -18.03 3.02 -2.41
CA GLU A 216 -16.83 2.38 -2.96
C GLU A 216 -15.63 2.58 -2.07
N LEU A 217 -15.47 3.80 -1.54
CA LEU A 217 -14.33 4.08 -0.66
C LEU A 217 -14.40 3.26 0.62
N ILE A 218 -15.59 3.21 1.23
CA ILE A 218 -15.77 2.40 2.44
C ILE A 218 -15.41 0.95 2.15
N ASN A 219 -15.89 0.43 1.01
CA ASN A 219 -15.62 -0.95 0.65
C ASN A 219 -14.12 -1.20 0.46
N SER A 220 -13.43 -0.28 -0.23
CA SER A 220 -12.00 -0.45 -0.45
C SER A 220 -11.23 -0.43 0.86
N ILE A 221 -11.60 0.49 1.76
CA ILE A 221 -10.94 0.54 3.07
C ILE A 221 -11.17 -0.77 3.82
N ARG A 222 -12.38 -1.31 3.75
CA ARG A 222 -12.67 -2.55 4.46
C ARG A 222 -11.94 -3.74 3.85
N ILE A 223 -11.73 -3.73 2.52
CA ILE A 223 -10.98 -4.80 1.88
C ILE A 223 -9.52 -4.76 2.34
N SER A 224 -8.93 -3.57 2.37
CA SER A 224 -7.56 -3.46 2.86
C SER A 224 -7.49 -3.84 4.34
N TYR A 225 -8.53 -3.53 5.11
CA TYR A 225 -8.60 -3.96 6.51
C TYR A 225 -8.62 -5.48 6.61
N SER A 226 -9.41 -6.15 5.77
CA SER A 226 -9.46 -7.61 5.79
C SER A 226 -8.11 -8.22 5.40
N ILE A 227 -7.42 -7.59 4.45
CA ILE A 227 -6.10 -8.07 4.09
C ILE A 227 -5.12 -7.91 5.25
N SER A 228 -5.20 -6.79 5.96
CA SER A 228 -4.37 -6.62 7.15
C SER A 228 -4.70 -7.67 8.21
N LEU A 229 -5.99 -7.98 8.38
CA LEU A 229 -6.39 -9.04 9.30
C LEU A 229 -5.76 -10.36 8.90
N MET A 230 -5.78 -10.68 7.61
CA MET A 230 -5.12 -11.90 7.13
C MET A 230 -3.63 -11.86 7.40
N ALA A 231 -3.02 -10.67 7.37
CA ALA A 231 -1.62 -10.54 7.74
C ALA A 231 -1.39 -10.94 9.20
N THR A 232 -2.31 -10.56 10.09
CA THR A 232 -2.12 -10.78 11.51
C THR A 232 -2.24 -12.25 11.92
N GLY A 233 -2.64 -13.12 11.01
CA GLY A 233 -2.80 -14.54 11.33
C GLY A 233 -4.23 -15.00 11.42
N GLU A 234 -5.21 -14.12 11.25
CA GLU A 234 -6.61 -14.53 11.23
C GLU A 234 -6.92 -15.16 9.88
N PHE A 235 -7.45 -16.39 9.90
CA PHE A 235 -7.66 -17.15 8.68
C PHE A 235 -9.07 -17.68 8.51
N LYS A 236 -9.96 -17.47 9.48
CA LYS A 236 -11.36 -17.86 9.30
C LYS A 236 -12.07 -16.79 8.48
N ILE A 237 -12.58 -17.19 7.31
CA ILE A 237 -13.14 -16.23 6.36
C ILE A 237 -14.35 -15.51 6.95
N LYS A 238 -15.17 -16.23 7.72
CA LYS A 238 -16.34 -15.60 8.34
C LYS A 238 -15.92 -14.50 9.31
N GLN A 239 -14.93 -14.78 10.15
CA GLN A 239 -14.42 -13.78 11.08
C GLN A 239 -13.82 -12.59 10.33
N ILE A 240 -13.07 -12.87 9.26
CA ILE A 240 -12.46 -11.79 8.48
C ILE A 240 -13.53 -10.89 7.90
N ALA A 241 -14.59 -11.48 7.33
CA ALA A 241 -15.66 -10.69 6.74
C ALA A 241 -16.37 -9.85 7.81
N TYR A 242 -16.70 -10.45 8.95
CA TYR A 242 -17.49 -9.73 9.94
C TYR A 242 -16.66 -8.66 10.64
N GLN A 243 -15.40 -8.95 10.96
CA GLN A 243 -14.55 -7.98 11.63
C GLN A 243 -14.16 -6.82 10.73
N SER A 244 -14.21 -7.00 9.41
CA SER A 244 -13.93 -5.92 8.47
C SER A 244 -15.16 -5.09 8.16
N GLY A 245 -16.30 -5.41 8.75
CA GLY A 245 -17.50 -4.60 8.59
C GLY A 245 -18.42 -4.98 7.46
N PHE A 246 -18.29 -6.20 6.93
CA PHE A 246 -19.15 -6.65 5.84
C PHE A 246 -20.34 -7.42 6.39
N ALA A 247 -21.50 -7.25 5.73
CA ALA A 247 -22.73 -7.86 6.21
C ALA A 247 -22.74 -9.37 6.07
N SER A 248 -21.95 -9.93 5.14
CA SER A 248 -22.02 -11.36 4.89
C SER A 248 -20.72 -11.82 4.24
N VAL A 249 -20.46 -13.13 4.34
CA VAL A 249 -19.30 -13.71 3.68
C VAL A 249 -19.46 -13.63 2.16
N SER A 250 -20.69 -13.75 1.66
CA SER A 250 -20.90 -13.71 0.22
C SER A 250 -20.64 -12.32 -0.34
N TYR A 251 -21.16 -11.28 0.32
CA TYR A 251 -20.91 -9.92 -0.14
C TYR A 251 -19.45 -9.55 0.01
N PHE A 252 -18.83 -9.96 1.12
CA PHE A 252 -17.39 -9.73 1.30
C PHE A 252 -16.59 -10.40 0.20
N SER A 253 -16.95 -11.64 -0.16
CA SER A 253 -16.24 -12.35 -1.21
C SER A 253 -16.42 -11.67 -2.55
N THR A 254 -17.65 -11.20 -2.83
CA THR A 254 -17.90 -10.47 -4.07
C THR A 254 -17.01 -9.23 -4.17
N VAL A 255 -17.01 -8.41 -3.11
CA VAL A 255 -16.23 -7.17 -3.14
C VAL A 255 -14.73 -7.49 -3.22
N PHE A 256 -14.28 -8.49 -2.44
CA PHE A 256 -12.87 -8.88 -2.46
C PHE A 256 -12.44 -9.35 -3.84
N LYS A 257 -13.27 -10.18 -4.49
CA LYS A 257 -12.92 -10.64 -5.83
C LYS A 257 -12.93 -9.49 -6.82
N SER A 258 -13.88 -8.57 -6.70
CA SER A 258 -13.91 -7.41 -7.58
C SER A 258 -12.67 -6.54 -7.41
N THR A 259 -12.13 -6.47 -6.20
CA THR A 259 -11.01 -5.58 -5.91
C THR A 259 -9.66 -6.22 -6.21
N MET A 260 -9.45 -7.46 -5.76
CA MET A 260 -8.17 -8.13 -5.83
C MET A 260 -8.06 -9.15 -6.96
N ASN A 261 -9.16 -9.42 -7.66
CA ASN A 261 -9.25 -10.36 -8.78
C ASN A 261 -9.04 -11.81 -8.36
N VAL A 262 -9.03 -12.10 -7.07
CA VAL A 262 -8.96 -13.47 -6.57
C VAL A 262 -9.92 -13.61 -5.40
N ALA A 263 -10.37 -14.83 -5.17
CA ALA A 263 -11.23 -15.12 -4.03
C ALA A 263 -10.44 -14.95 -2.74
N PRO A 264 -11.14 -14.67 -1.62
CA PRO A 264 -10.43 -14.54 -0.34
C PRO A 264 -9.58 -15.75 0.02
N SER A 265 -10.05 -16.97 -0.29
CA SER A 265 -9.25 -18.16 0.01
C SER A 265 -8.02 -18.24 -0.89
N GLU A 266 -8.12 -17.80 -2.13
CA GLU A 266 -6.97 -17.82 -3.03
C GLU A 266 -5.90 -16.84 -2.57
N TYR A 267 -6.29 -15.62 -2.21
CA TYR A 267 -5.34 -14.69 -1.61
C TYR A 267 -4.77 -15.28 -0.32
N LEU A 268 -5.63 -15.89 0.49
CA LEU A 268 -5.16 -16.52 1.71
C LEU A 268 -4.03 -17.48 1.41
N PHE A 269 -4.20 -18.34 0.39
CA PHE A 269 -3.14 -19.29 0.07
C PHE A 269 -1.89 -18.61 -0.47
N MET A 270 -2.07 -17.64 -1.37
CA MET A 270 -0.91 -16.92 -1.92
C MET A 270 -0.10 -16.26 -0.82
N LEU A 271 -0.76 -15.85 0.26
CA LEU A 271 -0.06 -15.24 1.38
C LEU A 271 0.48 -16.26 2.38
N THR A 272 -0.20 -17.40 2.50
CA THR A 272 0.05 -18.34 3.60
C THR A 272 0.89 -19.54 3.19
N GLY A 273 0.86 -19.95 1.93
CA GLY A 273 1.53 -21.18 1.55
C GLY A 273 0.90 -22.44 2.09
N VAL A 274 -0.14 -22.21 2.88
CA VAL A 274 -0.88 -23.29 3.56
C VAL A 274 -2.29 -23.30 3.01
N ALA A 275 -2.62 -24.34 2.23
CA ALA A 275 -3.99 -24.54 1.70
C ALA A 275 -4.82 -25.26 2.77
N GLU A 276 -6.13 -25.38 2.58
CA GLU A 276 -7.00 -25.96 3.63
C GLU A 276 -6.53 -27.36 4.08
C1 PAM B . 0.29 -6.16 1.04
O1 PAM B . 0.55 -5.08 1.64
O2 PAM B . 1.12 -7.10 1.06
C2 PAM B . -1.03 -6.32 0.30
C3 PAM B . -0.76 -6.90 -1.09
C4 PAM B . -2.01 -7.64 -1.56
C5 PAM B . -1.95 -7.86 -3.07
C6 PAM B . -0.73 -8.71 -3.37
C7 PAM B . -0.74 -9.21 -4.81
C8 PAM B . 0.71 -9.29 -5.22
C9 PAM B . 1.34 -7.91 -5.14
C10 PAM B . 1.30 -7.10 -6.18
C11 PAM B . 1.94 -5.73 -6.02
C12 PAM B . 1.72 -5.26 -4.58
C13 PAM B . 0.68 -4.15 -4.56
C14 PAM B . -0.63 -4.65 -3.94
C15 PAM B . -1.07 -3.67 -2.86
C16 PAM B . -2.46 -4.05 -2.36
#